data_3TWK
#
_entry.id   3TWK
#
_cell.length_a   93.054
_cell.length_b   93.054
_cell.length_c   157.700
_cell.angle_alpha   90.00
_cell.angle_beta   90.00
_cell.angle_gamma   90.00
#
_symmetry.space_group_name_H-M   'P 41 21 2'
#
loop_
_entity.id
_entity.type
_entity.pdbx_description
1 polymer 'Formamidopyrimidine-DNA glycosylase 1'
2 non-polymer GLYCEROL
3 water water
#
_entity_poly.entity_id   1
_entity_poly.type   'polypeptide(L)'
_entity_poly.pdbx_seq_one_letter_code
;(MSE)PELPEVEAARRAIEENCLGKKIKRVIIADDNKVIHGISPSDFQTSILGKTIISARRKGKNLWLELDSPPFPSFQF
G(MSE)AGAIYIKGVAVTKYKRSAVKDSEEWPSKYSKFFVELDDGLELSFTDKRRFAKVRLLANPTSVSPISELGPDALL
EP(MSE)TVDEFAESLAKKKITIKPLLLDQGYISGIGNWIADEVLYQARIHPLQTASSLSKEQCEALHTSIKEVIEKAVE
VDADSSQFPSNWIFHNREKKPGKAFVDGKKIDFITAGGRTTAYVPELQKLYGKCVDKLAAALEHHHHHH
;
_entity_poly.pdbx_strand_id   A,B
#
loop_
_chem_comp.id
_chem_comp.type
_chem_comp.name
_chem_comp.formula
GOL non-polymer GLYCEROL 'C3 H8 O3'
#
# COMPACT_ATOMS: atom_id res chain seq x y z
N PRO A 2 5.07 -14.65 -13.06
CA PRO A 2 4.25 -15.75 -12.50
C PRO A 2 3.11 -15.21 -11.65
N GLU A 3 1.89 -15.68 -11.95
CA GLU A 3 0.71 -15.29 -11.20
C GLU A 3 0.18 -16.56 -10.51
N LEU A 4 -0.84 -16.45 -9.68
CA LEU A 4 -1.35 -17.61 -8.95
C LEU A 4 -1.36 -18.96 -9.69
N PRO A 5 -1.95 -19.04 -10.90
CA PRO A 5 -1.98 -20.33 -11.61
C PRO A 5 -0.61 -20.94 -11.87
N GLU A 6 0.35 -20.14 -12.30
CA GLU A 6 1.68 -20.67 -12.58
C GLU A 6 2.37 -21.15 -11.30
N VAL A 7 2.22 -20.40 -10.21
CA VAL A 7 2.84 -20.78 -8.95
C VAL A 7 2.16 -22.03 -8.39
N GLU A 8 0.85 -22.14 -8.59
CA GLU A 8 0.09 -23.29 -8.11
C GLU A 8 0.49 -24.57 -8.88
N ALA A 9 0.79 -24.42 -10.17
CA ALA A 9 1.21 -25.57 -10.98
C ALA A 9 2.57 -26.04 -10.47
N ALA A 10 3.43 -25.10 -10.10
CA ALA A 10 4.73 -25.47 -9.57
C ALA A 10 4.51 -26.23 -8.24
N ARG A 11 3.52 -25.79 -7.46
CA ARG A 11 3.23 -26.44 -6.19
C ARG A 11 2.81 -27.90 -6.36
N ARG A 12 1.96 -28.15 -7.36
CA ARG A 12 1.50 -29.52 -7.62
C ARG A 12 2.60 -30.37 -8.22
N ALA A 13 3.50 -29.75 -8.99
CA ALA A 13 4.59 -30.49 -9.60
C ALA A 13 5.51 -31.03 -8.51
N ILE A 14 5.68 -30.24 -7.45
CA ILE A 14 6.51 -30.63 -6.33
C ILE A 14 5.88 -31.81 -5.58
N GLU A 15 4.56 -31.76 -5.36
CA GLU A 15 3.87 -32.84 -4.66
C GLU A 15 3.74 -34.13 -5.46
N GLU A 16 3.92 -34.05 -6.77
CA GLU A 16 3.79 -35.23 -7.62
C GLU A 16 4.84 -36.29 -7.29
N ASN A 17 6.09 -35.89 -7.09
CA ASN A 17 7.14 -36.86 -6.78
C ASN A 17 8.10 -36.50 -5.65
N CYS A 18 8.01 -35.29 -5.11
CA CYS A 18 8.94 -34.89 -4.06
C CYS A 18 8.54 -35.17 -2.61
N LEU A 19 7.28 -35.53 -2.38
CA LEU A 19 6.83 -35.78 -1.01
C LEU A 19 7.39 -37.03 -0.34
N GLY A 20 7.63 -36.90 0.97
CA GLY A 20 8.15 -38.01 1.75
C GLY A 20 9.58 -38.41 1.43
N LYS A 21 10.29 -37.58 0.69
CA LYS A 21 11.67 -37.90 0.33
C LYS A 21 12.64 -37.03 1.13
N LYS A 22 13.73 -37.64 1.57
CA LYS A 22 14.75 -36.93 2.35
C LYS A 22 15.72 -36.10 1.50
N ILE A 23 16.09 -34.93 2.03
CA ILE A 23 17.02 -34.03 1.36
C ILE A 23 18.43 -34.55 1.68
N LYS A 24 19.09 -35.08 0.66
CA LYS A 24 20.43 -35.64 0.80
C LYS A 24 21.56 -34.66 0.53
N ARG A 25 21.30 -33.68 -0.32
CA ARG A 25 22.32 -32.69 -0.66
C ARG A 25 21.63 -31.36 -0.94
N VAL A 26 22.26 -30.27 -0.53
CA VAL A 26 21.68 -28.95 -0.73
C VAL A 26 22.65 -27.92 -1.27
N ILE A 27 22.19 -27.16 -2.26
CA ILE A 27 23.00 -26.09 -2.81
C ILE A 27 22.17 -24.82 -2.80
N ILE A 28 22.58 -23.85 -1.97
CA ILE A 28 21.90 -22.57 -1.88
C ILE A 28 22.86 -21.61 -2.56
N ALA A 29 22.36 -20.89 -3.56
CA ALA A 29 23.19 -19.97 -4.31
C ALA A 29 23.79 -18.86 -3.47
N ASP A 30 24.93 -18.36 -3.93
CA ASP A 30 25.63 -17.29 -3.28
C ASP A 30 25.10 -15.99 -3.91
N ASP A 31 23.88 -15.62 -3.54
CA ASP A 31 23.20 -14.43 -4.06
C ASP A 31 22.59 -13.71 -2.85
N ASN A 32 23.30 -12.73 -2.29
CA ASN A 32 22.78 -12.04 -1.12
C ASN A 32 21.68 -11.03 -1.43
N LYS A 33 21.08 -11.19 -2.60
CA LYS A 33 19.99 -10.33 -3.01
C LYS A 33 18.73 -11.20 -3.02
N VAL A 34 18.85 -12.41 -3.58
CA VAL A 34 17.74 -13.34 -3.66
C VAL A 34 17.58 -14.21 -2.39
N ILE A 35 18.70 -14.69 -1.86
CA ILE A 35 18.69 -15.48 -0.63
C ILE A 35 18.62 -14.43 0.47
N HIS A 36 17.44 -14.30 1.05
CA HIS A 36 17.21 -13.27 2.04
C HIS A 36 17.24 -13.65 3.52
N GLY A 37 17.96 -12.85 4.30
CA GLY A 37 18.02 -13.04 5.74
C GLY A 37 18.74 -14.24 6.30
N ILE A 38 19.68 -14.80 5.55
CA ILE A 38 20.41 -15.95 6.04
C ILE A 38 21.53 -16.27 5.07
N SER A 39 22.63 -16.78 5.60
CA SER A 39 23.77 -17.13 4.76
C SER A 39 23.46 -18.44 4.04
N PRO A 40 24.07 -18.65 2.87
CA PRO A 40 23.74 -19.91 2.21
C PRO A 40 24.17 -21.15 3.00
N SER A 41 25.33 -21.11 3.66
CA SER A 41 25.76 -22.29 4.40
C SER A 41 24.84 -22.60 5.59
N ASP A 42 24.30 -21.57 6.25
CA ASP A 42 23.38 -21.81 7.36
C ASP A 42 22.09 -22.41 6.80
N PHE A 43 21.66 -21.90 5.66
CA PHE A 43 20.46 -22.35 4.98
C PHE A 43 20.63 -23.85 4.68
N GLN A 44 21.75 -24.19 4.05
CA GLN A 44 22.05 -25.58 3.68
C GLN A 44 22.09 -26.53 4.88
N THR A 45 22.77 -26.11 5.94
CA THR A 45 22.89 -26.93 7.14
C THR A 45 21.53 -27.15 7.80
N SER A 46 20.71 -26.11 7.79
CA SER A 46 19.40 -26.20 8.41
C SER A 46 18.45 -27.24 7.81
N ILE A 47 18.38 -27.32 6.48
CA ILE A 47 17.45 -28.28 5.88
C ILE A 47 18.01 -29.63 5.46
N LEU A 48 19.32 -29.81 5.48
CA LEU A 48 19.92 -31.08 5.08
C LEU A 48 19.43 -32.20 6.00
N GLY A 49 18.98 -33.30 5.41
CA GLY A 49 18.51 -34.42 6.20
C GLY A 49 17.02 -34.46 6.47
N LYS A 50 16.32 -33.37 6.15
CA LYS A 50 14.89 -33.30 6.38
C LYS A 50 14.06 -33.82 5.22
N THR A 51 12.85 -34.27 5.53
CA THR A 51 11.91 -34.79 4.55
C THR A 51 10.88 -33.70 4.20
N ILE A 52 10.45 -33.68 2.94
CA ILE A 52 9.47 -32.71 2.47
C ILE A 52 8.10 -33.36 2.65
N ILE A 53 7.26 -32.77 3.51
CA ILE A 53 5.94 -33.31 3.79
C ILE A 53 4.88 -32.87 2.76
N SER A 54 4.89 -31.58 2.42
CA SER A 54 3.93 -31.05 1.45
C SER A 54 4.42 -29.72 0.91
N ALA A 55 3.77 -29.23 -0.14
CA ALA A 55 4.16 -27.95 -0.72
C ALA A 55 2.95 -27.07 -0.48
N ARG A 56 3.18 -25.82 -0.07
CA ARG A 56 2.08 -24.89 0.22
C ARG A 56 2.21 -23.64 -0.60
N ARG A 57 1.11 -22.89 -0.70
CA ARG A 57 1.10 -21.65 -1.46
C ARG A 57 0.04 -20.68 -0.95
N LYS A 58 0.38 -19.40 -1.03
CA LYS A 58 -0.53 -18.31 -0.69
C LYS A 58 -0.13 -17.23 -1.68
N GLY A 59 -1.09 -16.81 -2.50
CA GLY A 59 -0.79 -15.79 -3.49
C GLY A 59 0.28 -16.32 -4.43
N LYS A 60 1.34 -15.55 -4.62
CA LYS A 60 2.45 -15.93 -5.50
C LYS A 60 3.66 -16.38 -4.67
N ASN A 61 3.38 -16.94 -3.50
CA ASN A 61 4.42 -17.38 -2.59
C ASN A 61 4.27 -18.85 -2.37
N LEU A 62 5.37 -19.57 -2.52
CA LEU A 62 5.36 -21.00 -2.34
C LEU A 62 6.33 -21.34 -1.22
N TRP A 63 6.02 -22.37 -0.46
CA TRP A 63 6.93 -22.79 0.61
C TRP A 63 6.79 -24.28 0.83
N LEU A 64 7.86 -24.88 1.32
CA LEU A 64 7.91 -26.30 1.55
C LEU A 64 7.72 -26.64 3.01
N GLU A 65 6.74 -27.48 3.31
CA GLU A 65 6.50 -27.92 4.67
C GLU A 65 7.45 -29.11 4.87
N LEU A 66 8.51 -28.92 5.66
CA LEU A 66 9.45 -29.99 5.94
C LEU A 66 9.01 -30.71 7.22
N ASP A 67 9.55 -31.89 7.49
CA ASP A 67 9.16 -32.65 8.69
C ASP A 67 9.30 -31.83 9.98
N SER A 68 10.21 -30.85 9.97
CA SER A 68 10.36 -29.94 11.10
C SER A 68 10.86 -28.61 10.54
N PRO A 69 10.43 -27.49 11.14
CA PRO A 69 10.83 -26.14 10.70
C PRO A 69 12.28 -25.82 11.08
N PRO A 70 12.84 -24.72 10.53
CA PRO A 70 12.28 -23.72 9.61
C PRO A 70 11.97 -24.22 8.20
N PHE A 71 11.06 -23.51 7.52
CA PHE A 71 10.67 -23.86 6.16
C PHE A 71 11.13 -22.87 5.13
N PRO A 72 11.59 -23.37 3.97
CA PRO A 72 12.06 -22.53 2.86
C PRO A 72 10.86 -21.99 2.08
N SER A 73 10.88 -20.68 1.79
CA SER A 73 9.78 -20.08 1.03
C SER A 73 10.30 -19.39 -0.23
N PHE A 74 9.47 -19.37 -1.25
CA PHE A 74 9.85 -18.80 -2.53
C PHE A 74 8.88 -17.72 -3.01
N GLN A 75 9.37 -16.51 -3.11
CA GLN A 75 8.57 -15.39 -3.60
C GLN A 75 9.07 -15.28 -5.04
N PHE A 76 8.25 -15.73 -5.98
CA PHE A 76 8.66 -15.78 -7.38
C PHE A 76 9.20 -14.54 -8.08
N GLY A 77 8.65 -13.37 -7.79
CA GLY A 77 9.14 -12.19 -8.46
C GLY A 77 8.71 -12.32 -9.91
N MSE A 78 9.38 -11.63 -10.82
CA MSE A 78 8.99 -11.69 -12.23
C MSE A 78 9.49 -12.86 -13.06
O MSE A 78 8.92 -13.14 -14.11
CB MSE A 78 9.31 -10.39 -12.95
CG MSE A 78 10.78 -10.06 -13.12
SE MSE A 78 10.99 -8.65 -14.25
CE MSE A 78 10.26 -7.31 -13.27
N ALA A 79 10.54 -13.56 -12.61
CA ALA A 79 11.07 -14.67 -13.38
C ALA A 79 11.35 -15.96 -12.59
N GLY A 80 10.87 -16.04 -11.36
CA GLY A 80 11.10 -17.23 -10.56
C GLY A 80 10.49 -18.48 -11.17
N ALA A 81 11.17 -19.61 -11.03
CA ALA A 81 10.65 -20.85 -11.61
C ALA A 81 11.07 -22.09 -10.83
N ILE A 82 10.26 -23.13 -10.93
CA ILE A 82 10.54 -24.40 -10.28
C ILE A 82 10.86 -25.45 -11.34
N TYR A 83 11.94 -26.20 -11.11
CA TYR A 83 12.35 -27.24 -12.05
C TYR A 83 12.64 -28.53 -11.29
N ILE A 84 12.13 -29.64 -11.85
CA ILE A 84 12.30 -30.95 -11.24
C ILE A 84 12.87 -31.95 -12.27
N LYS A 85 13.99 -32.58 -11.92
CA LYS A 85 14.62 -33.54 -12.80
C LYS A 85 14.70 -34.88 -12.08
N GLY A 86 14.70 -35.96 -12.83
CA GLY A 86 14.79 -37.28 -12.21
C GLY A 86 13.70 -38.29 -12.56
N VAL A 87 12.49 -37.81 -12.81
CA VAL A 87 11.39 -38.72 -13.17
C VAL A 87 10.89 -38.40 -14.57
N ALA A 88 11.29 -39.25 -15.52
CA ALA A 88 10.93 -39.11 -16.94
C ALA A 88 9.49 -38.68 -17.22
N VAL A 89 8.52 -39.41 -16.68
CA VAL A 89 7.12 -39.08 -16.91
C VAL A 89 6.63 -38.04 -15.88
N THR A 90 5.90 -37.04 -16.37
CA THR A 90 5.37 -35.99 -15.51
C THR A 90 4.14 -35.30 -16.10
N LYS A 91 3.22 -34.90 -15.22
CA LYS A 91 1.99 -34.23 -15.64
C LYS A 91 2.21 -32.72 -15.70
N TYR A 92 3.37 -32.27 -15.25
CA TYR A 92 3.66 -30.83 -15.21
C TYR A 92 4.83 -30.42 -16.10
N LYS A 93 4.51 -30.22 -17.38
CA LYS A 93 5.47 -29.85 -18.40
C LYS A 93 6.36 -28.63 -18.18
N ARG A 94 5.82 -27.54 -17.63
CA ARG A 94 6.67 -26.38 -17.44
C ARG A 94 7.78 -26.59 -16.41
N SER A 95 7.68 -27.67 -15.64
CA SER A 95 8.69 -27.98 -14.64
C SER A 95 9.67 -29.07 -15.07
N ALA A 96 9.46 -29.66 -16.26
CA ALA A 96 10.37 -30.70 -16.75
C ALA A 96 11.65 -30.07 -17.27
N VAL A 97 12.74 -30.84 -17.25
CA VAL A 97 14.04 -30.36 -17.70
C VAL A 97 14.55 -31.21 -18.86
N LYS A 98 14.85 -30.55 -19.98
CA LYS A 98 15.34 -31.24 -21.15
C LYS A 98 16.85 -31.46 -21.00
N ASP A 99 17.33 -32.63 -21.43
CA ASP A 99 18.74 -32.99 -21.32
C ASP A 99 19.76 -31.97 -21.81
N SER A 100 19.38 -31.16 -22.80
CA SER A 100 20.30 -30.17 -23.34
C SER A 100 20.45 -28.92 -22.46
N GLU A 101 19.71 -28.85 -21.36
CA GLU A 101 19.80 -27.71 -20.45
C GLU A 101 20.89 -27.94 -19.41
N GLU A 102 21.61 -26.88 -19.07
CA GLU A 102 22.66 -27.00 -18.05
C GLU A 102 21.93 -27.40 -16.77
N TRP A 103 22.58 -28.21 -15.93
CA TRP A 103 21.93 -28.64 -14.70
C TRP A 103 22.94 -29.11 -13.65
N PRO A 104 22.93 -28.48 -12.47
CA PRO A 104 22.04 -27.39 -12.05
C PRO A 104 22.21 -26.15 -12.93
N SER A 105 21.15 -25.37 -13.05
CA SER A 105 21.19 -24.14 -13.83
C SER A 105 22.11 -23.14 -13.11
N LYS A 106 22.71 -22.23 -13.88
CA LYS A 106 23.58 -21.23 -13.28
C LYS A 106 22.67 -20.17 -12.64
N TYR A 107 21.38 -20.32 -12.85
CA TYR A 107 20.39 -19.41 -12.29
C TYR A 107 19.74 -20.02 -11.05
N SER A 108 20.17 -21.23 -10.69
CA SER A 108 19.59 -21.90 -9.53
C SER A 108 19.90 -21.11 -8.27
N LYS A 109 18.90 -20.95 -7.41
CA LYS A 109 19.09 -20.22 -6.18
C LYS A 109 18.89 -21.21 -5.03
N PHE A 110 17.98 -22.16 -5.24
CA PHE A 110 17.68 -23.19 -4.24
C PHE A 110 17.68 -24.53 -4.96
N PHE A 111 18.51 -25.45 -4.47
CA PHE A 111 18.65 -26.76 -5.08
C PHE A 111 18.83 -27.86 -4.05
N VAL A 112 18.11 -28.96 -4.21
CA VAL A 112 18.22 -30.09 -3.31
C VAL A 112 18.17 -31.40 -4.09
N GLU A 113 18.93 -32.39 -3.64
CA GLU A 113 18.90 -33.70 -4.26
C GLU A 113 18.16 -34.56 -3.25
N LEU A 114 17.12 -35.26 -3.69
CA LEU A 114 16.29 -36.09 -2.83
C LEU A 114 16.54 -37.59 -2.99
N ASP A 115 15.87 -38.38 -2.17
CA ASP A 115 15.96 -39.85 -2.26
C ASP A 115 15.55 -40.19 -3.68
N ASP A 116 15.93 -41.37 -4.14
CA ASP A 116 15.56 -41.80 -5.48
C ASP A 116 16.15 -40.90 -6.59
N GLY A 117 17.19 -40.14 -6.26
CA GLY A 117 17.84 -39.28 -7.24
C GLY A 117 17.00 -38.16 -7.84
N LEU A 118 15.93 -37.79 -7.17
CA LEU A 118 15.06 -36.72 -7.64
C LEU A 118 15.72 -35.41 -7.22
N GLU A 119 15.80 -34.44 -8.13
CA GLU A 119 16.41 -33.15 -7.81
C GLU A 119 15.43 -32.01 -8.11
N LEU A 120 15.33 -31.09 -7.15
CA LEU A 120 14.41 -29.97 -7.21
C LEU A 120 15.16 -28.65 -7.16
N SER A 121 14.78 -27.73 -8.04
CA SER A 121 15.46 -26.44 -8.10
C SER A 121 14.54 -25.23 -8.34
N PHE A 122 14.87 -24.13 -7.67
CA PHE A 122 14.14 -22.87 -7.85
C PHE A 122 15.15 -21.97 -8.53
N THR A 123 14.78 -21.44 -9.70
CA THR A 123 15.66 -20.59 -10.48
C THR A 123 15.08 -19.19 -10.65
N ASP A 124 15.97 -18.22 -10.84
CA ASP A 124 15.55 -16.84 -11.03
C ASP A 124 16.57 -16.11 -11.92
N LYS A 125 16.25 -15.99 -13.21
CA LYS A 125 17.14 -15.31 -14.15
C LYS A 125 17.27 -13.81 -13.96
N ARG A 126 16.21 -13.18 -13.44
CA ARG A 126 16.20 -11.74 -13.25
C ARG A 126 16.65 -11.27 -11.88
N ARG A 127 16.71 -12.20 -10.93
CA ARG A 127 17.11 -11.92 -9.56
C ARG A 127 16.15 -10.99 -8.82
N PHE A 128 14.85 -11.15 -9.07
CA PHE A 128 13.86 -10.34 -8.38
C PHE A 128 13.11 -11.19 -7.36
N ALA A 129 13.41 -12.49 -7.35
CA ALA A 129 12.78 -13.44 -6.43
C ALA A 129 13.37 -13.31 -5.03
N LYS A 130 12.63 -13.81 -4.05
CA LYS A 130 13.09 -13.79 -2.67
C LYS A 130 12.98 -15.18 -2.06
N VAL A 131 14.09 -15.73 -1.60
CA VAL A 131 14.08 -17.05 -0.96
C VAL A 131 14.42 -16.88 0.52
N ARG A 132 13.57 -17.39 1.39
CA ARG A 132 13.78 -17.27 2.83
C ARG A 132 13.69 -18.62 3.52
N LEU A 133 14.14 -18.67 4.77
CA LEU A 133 14.06 -19.86 5.61
C LEU A 133 13.44 -19.33 6.91
N LEU A 134 12.14 -19.58 7.10
CA LEU A 134 11.43 -19.05 8.25
C LEU A 134 10.81 -20.08 9.19
N ALA A 135 10.81 -19.77 10.49
CA ALA A 135 10.22 -20.66 11.49
C ALA A 135 8.79 -20.97 11.08
N ASN A 136 8.09 -19.95 10.58
CA ASN A 136 6.72 -20.12 10.09
C ASN A 136 6.46 -19.05 9.05
N PRO A 137 6.50 -19.42 7.76
CA PRO A 137 6.28 -18.49 6.66
C PRO A 137 4.98 -17.66 6.74
N THR A 138 3.92 -18.24 7.29
CA THR A 138 2.64 -17.52 7.38
C THR A 138 2.52 -16.53 8.53
N SER A 139 3.46 -16.56 9.47
CA SER A 139 3.39 -15.67 10.63
C SER A 139 4.08 -14.34 10.41
N VAL A 140 5.04 -14.31 9.49
CA VAL A 140 5.77 -13.09 9.22
C VAL A 140 5.65 -12.64 7.78
N SER A 141 6.20 -11.47 7.51
CA SER A 141 6.18 -10.89 6.17
C SER A 141 6.97 -11.79 5.20
N PRO A 142 6.57 -11.83 3.93
CA PRO A 142 5.46 -11.10 3.33
C PRO A 142 4.12 -11.82 3.39
N ILE A 143 4.14 -13.14 3.62
CA ILE A 143 2.91 -13.91 3.64
C ILE A 143 1.85 -13.46 4.66
N SER A 144 2.28 -12.98 5.81
CA SER A 144 1.34 -12.55 6.83
C SER A 144 0.60 -11.25 6.45
N GLU A 145 1.17 -10.51 5.51
CA GLU A 145 0.57 -9.26 5.06
C GLU A 145 -0.30 -9.45 3.83
N LEU A 146 -0.35 -10.67 3.32
CA LEU A 146 -1.17 -10.97 2.14
C LEU A 146 -2.65 -10.97 2.46
N GLY A 147 -3.45 -10.56 1.49
CA GLY A 147 -4.89 -10.58 1.65
C GLY A 147 -5.30 -12.01 1.34
N PRO A 148 -6.59 -12.36 1.48
CA PRO A 148 -7.05 -13.72 1.21
C PRO A 148 -6.71 -14.26 -0.19
N ASP A 149 -6.27 -15.52 -0.23
CA ASP A 149 -5.90 -16.18 -1.48
C ASP A 149 -7.09 -16.24 -2.43
N ALA A 150 -6.90 -15.76 -3.65
CA ALA A 150 -7.96 -15.74 -4.66
C ALA A 150 -8.58 -17.10 -4.93
N LEU A 151 -7.80 -18.16 -4.76
CA LEU A 151 -8.29 -19.52 -5.00
C LEU A 151 -8.74 -20.24 -3.71
N LEU A 152 -7.92 -20.18 -2.67
CA LEU A 152 -8.22 -20.86 -1.41
C LEU A 152 -9.17 -20.15 -0.47
N GLU A 153 -9.19 -18.82 -0.47
CA GLU A 153 -10.08 -18.09 0.43
C GLU A 153 -10.89 -17.04 -0.32
N PRO A 154 -11.80 -17.48 -1.19
CA PRO A 154 -12.59 -16.48 -1.93
C PRO A 154 -13.60 -15.78 -1.01
N MSE A 155 -13.70 -14.46 -1.15
CA MSE A 155 -14.68 -13.72 -0.35
C MSE A 155 -16.04 -14.13 -0.91
O MSE A 155 -16.14 -14.57 -2.06
CB MSE A 155 -14.49 -12.21 -0.54
CG MSE A 155 -13.26 -11.64 0.16
SE MSE A 155 -13.12 -9.83 0.08
CE MSE A 155 -11.80 -9.70 -0.96
N THR A 156 -17.10 -14.00 -0.10
CA THR A 156 -18.43 -14.31 -0.60
C THR A 156 -18.83 -13.08 -1.44
N VAL A 157 -19.93 -13.17 -2.17
CA VAL A 157 -20.40 -12.06 -2.99
C VAL A 157 -20.59 -10.80 -2.15
N ASP A 158 -21.29 -10.93 -1.02
CA ASP A 158 -21.52 -9.77 -0.15
C ASP A 158 -20.27 -9.26 0.57
N GLU A 159 -19.34 -10.15 0.89
CA GLU A 159 -18.11 -9.71 1.55
C GLU A 159 -17.30 -8.92 0.52
N PHE A 160 -17.27 -9.44 -0.70
CA PHE A 160 -16.54 -8.80 -1.79
C PHE A 160 -17.06 -7.38 -2.01
N ALA A 161 -18.38 -7.24 -2.09
CA ALA A 161 -18.98 -5.93 -2.32
C ALA A 161 -18.73 -4.95 -1.19
N GLU A 162 -18.80 -5.42 0.04
CA GLU A 162 -18.58 -4.53 1.16
C GLU A 162 -17.13 -4.07 1.24
N SER A 163 -16.19 -4.90 0.82
CA SER A 163 -14.79 -4.48 0.88
C SER A 163 -14.52 -3.46 -0.23
N LEU A 164 -15.06 -3.69 -1.42
CA LEU A 164 -14.83 -2.74 -2.51
C LEU A 164 -15.43 -1.35 -2.21
N ALA A 165 -16.52 -1.32 -1.44
CA ALA A 165 -17.17 -0.04 -1.12
C ALA A 165 -16.27 0.97 -0.40
N LYS A 166 -15.26 0.48 0.32
CA LYS A 166 -14.35 1.36 1.06
C LYS A 166 -13.05 1.63 0.30
N LYS A 167 -12.83 0.96 -0.82
CA LYS A 167 -11.61 1.14 -1.60
C LYS A 167 -11.72 2.30 -2.58
N LYS A 168 -11.04 3.39 -2.26
CA LYS A 168 -11.08 4.59 -3.06
C LYS A 168 -9.97 4.71 -4.12
N ILE A 169 -9.72 3.63 -4.83
CA ILE A 169 -8.70 3.62 -5.87
C ILE A 169 -9.21 2.90 -7.11
N THR A 170 -8.61 3.18 -8.25
CA THR A 170 -9.02 2.52 -9.47
C THR A 170 -8.86 1.00 -9.27
N ILE A 171 -9.76 0.25 -9.88
CA ILE A 171 -9.79 -1.19 -9.74
C ILE A 171 -8.57 -1.99 -10.20
N LYS A 172 -7.95 -1.61 -11.32
CA LYS A 172 -6.78 -2.35 -11.82
C LYS A 172 -5.69 -2.45 -10.76
N PRO A 173 -5.18 -1.31 -10.26
CA PRO A 173 -4.14 -1.44 -9.24
C PRO A 173 -4.61 -2.12 -7.94
N LEU A 174 -5.91 -2.03 -7.63
CA LEU A 174 -6.41 -2.66 -6.43
C LEU A 174 -6.29 -4.18 -6.58
N LEU A 175 -6.64 -4.70 -7.76
CA LEU A 175 -6.56 -6.13 -8.02
C LEU A 175 -5.12 -6.63 -7.95
N LEU A 176 -4.16 -5.75 -8.24
CA LEU A 176 -2.74 -6.11 -8.21
C LEU A 176 -2.15 -6.02 -6.80
N ASP A 177 -2.85 -5.32 -5.92
CA ASP A 177 -2.42 -5.16 -4.53
C ASP A 177 -2.54 -6.48 -3.78
N GLN A 178 -1.41 -7.13 -3.55
CA GLN A 178 -1.41 -8.41 -2.85
C GLN A 178 -2.01 -8.35 -1.45
N GLY A 179 -2.05 -7.15 -0.86
CA GLY A 179 -2.61 -6.99 0.47
C GLY A 179 -4.14 -6.95 0.50
N TYR A 180 -4.76 -6.80 -0.67
CA TYR A 180 -6.22 -6.77 -0.74
C TYR A 180 -6.73 -8.19 -1.03
N ILE A 181 -6.26 -8.76 -2.12
CA ILE A 181 -6.59 -10.13 -2.51
C ILE A 181 -5.24 -10.63 -3.02
N SER A 182 -4.86 -11.87 -2.77
CA SER A 182 -3.55 -12.28 -3.24
C SER A 182 -3.55 -13.27 -4.39
N GLY A 183 -2.56 -13.14 -5.27
CA GLY A 183 -2.42 -14.03 -6.40
C GLY A 183 -2.66 -13.48 -7.79
N ILE A 184 -3.37 -12.35 -7.89
CA ILE A 184 -3.67 -11.76 -9.19
C ILE A 184 -2.56 -10.89 -9.73
N GLY A 185 -2.23 -11.11 -11.00
CA GLY A 185 -1.20 -10.32 -11.66
C GLY A 185 -1.77 -9.62 -12.89
N ASN A 186 -0.88 -9.10 -13.72
CA ASN A 186 -1.27 -8.38 -14.94
C ASN A 186 -2.28 -9.06 -15.86
N TRP A 187 -2.05 -10.32 -16.24
CA TRP A 187 -2.99 -10.93 -17.17
C TRP A 187 -4.29 -11.35 -16.54
N ILE A 188 -4.27 -11.79 -15.29
CA ILE A 188 -5.54 -12.18 -14.67
C ILE A 188 -6.39 -10.91 -14.45
N ALA A 189 -5.73 -9.81 -14.12
CA ALA A 189 -6.44 -8.54 -13.90
C ALA A 189 -7.13 -8.11 -15.19
N ASP A 190 -6.39 -8.10 -16.29
CA ASP A 190 -6.99 -7.71 -17.57
C ASP A 190 -8.15 -8.65 -17.89
N GLU A 191 -7.92 -9.94 -17.70
CA GLU A 191 -8.95 -10.93 -18.00
C GLU A 191 -10.24 -10.79 -17.19
N VAL A 192 -10.14 -10.62 -15.88
CA VAL A 192 -11.35 -10.49 -15.08
C VAL A 192 -12.08 -9.18 -15.31
N LEU A 193 -11.35 -8.11 -15.58
CA LEU A 193 -11.97 -6.82 -15.84
C LEU A 193 -12.68 -6.88 -17.20
N TYR A 194 -12.00 -7.43 -18.21
CA TYR A 194 -12.62 -7.55 -19.53
C TYR A 194 -13.89 -8.40 -19.44
N GLN A 195 -13.75 -9.54 -18.78
CA GLN A 195 -14.85 -10.49 -18.59
C GLN A 195 -16.03 -9.90 -17.84
N ALA A 196 -15.74 -9.07 -16.84
CA ALA A 196 -16.79 -8.44 -16.04
C ALA A 196 -17.29 -7.14 -16.65
N ARG A 197 -16.65 -6.70 -17.73
CA ARG A 197 -17.01 -5.47 -18.43
C ARG A 197 -16.82 -4.24 -17.55
N ILE A 198 -15.67 -4.15 -16.90
CA ILE A 198 -15.34 -3.01 -16.05
C ILE A 198 -14.03 -2.43 -16.59
N HIS A 199 -13.99 -1.11 -16.71
CA HIS A 199 -12.82 -0.38 -17.21
C HIS A 199 -11.76 -0.32 -16.10
N PRO A 200 -10.47 -0.44 -16.46
CA PRO A 200 -9.41 -0.40 -15.46
C PRO A 200 -9.30 0.86 -14.61
N LEU A 201 -9.88 1.98 -15.06
CA LEU A 201 -9.83 3.22 -14.29
C LEU A 201 -11.07 3.46 -13.42
N GLN A 202 -11.97 2.48 -13.36
CA GLN A 202 -13.18 2.60 -12.54
C GLN A 202 -12.81 2.49 -11.05
N THR A 203 -13.17 3.48 -10.26
CA THR A 203 -12.88 3.43 -8.83
C THR A 203 -13.65 2.26 -8.21
N ALA A 204 -12.98 1.48 -7.36
CA ALA A 204 -13.64 0.33 -6.75
C ALA A 204 -14.89 0.70 -5.94
N SER A 205 -14.82 1.81 -5.22
CA SER A 205 -15.94 2.28 -4.41
C SER A 205 -17.10 2.80 -5.23
N SER A 206 -16.89 2.99 -6.54
CA SER A 206 -17.96 3.49 -7.41
C SER A 206 -18.69 2.32 -8.06
N LEU A 207 -18.17 1.12 -7.91
CA LEU A 207 -18.81 -0.04 -8.51
C LEU A 207 -20.14 -0.34 -7.84
N SER A 208 -21.17 -0.59 -8.65
CA SER A 208 -22.48 -0.92 -8.13
C SER A 208 -22.49 -2.35 -7.62
N LYS A 209 -23.59 -2.74 -7.01
CA LYS A 209 -23.73 -4.10 -6.48
C LYS A 209 -23.62 -5.11 -7.61
N GLU A 210 -24.25 -4.79 -8.75
CA GLU A 210 -24.23 -5.69 -9.91
C GLU A 210 -22.80 -5.82 -10.48
N GLN A 211 -22.06 -4.72 -10.50
CA GLN A 211 -20.69 -4.76 -11.01
C GLN A 211 -19.80 -5.62 -10.09
N CYS A 212 -19.93 -5.43 -8.77
CA CYS A 212 -19.13 -6.22 -7.84
C CYS A 212 -19.36 -7.70 -8.04
N GLU A 213 -20.63 -8.09 -8.21
CA GLU A 213 -20.95 -9.49 -8.40
C GLU A 213 -20.39 -10.03 -9.72
N ALA A 214 -20.45 -9.22 -10.77
CA ALA A 214 -19.90 -9.63 -12.06
C ALA A 214 -18.39 -9.84 -11.90
N LEU A 215 -17.73 -8.92 -11.22
CA LEU A 215 -16.28 -9.06 -11.01
C LEU A 215 -15.99 -10.26 -10.14
N HIS A 216 -16.82 -10.48 -9.13
CA HIS A 216 -16.67 -11.62 -8.24
C HIS A 216 -16.75 -12.90 -9.08
N THR A 217 -17.75 -12.97 -9.94
CA THR A 217 -17.95 -14.13 -10.81
C THR A 217 -16.79 -14.36 -11.79
N SER A 218 -16.30 -13.28 -12.40
CA SER A 218 -15.22 -13.42 -13.37
C SER A 218 -13.90 -13.80 -12.71
N ILE A 219 -13.66 -13.33 -11.50
CA ILE A 219 -12.41 -13.70 -10.82
C ILE A 219 -12.45 -15.20 -10.55
N LYS A 220 -13.61 -15.67 -10.12
CA LYS A 220 -13.79 -17.07 -9.82
C LYS A 220 -13.58 -17.97 -11.05
N GLU A 221 -14.22 -17.62 -12.16
CA GLU A 221 -14.12 -18.41 -13.37
C GLU A 221 -12.72 -18.38 -13.98
N VAL A 222 -12.09 -17.20 -14.02
CA VAL A 222 -10.75 -17.12 -14.58
C VAL A 222 -9.75 -17.91 -13.73
N ILE A 223 -9.78 -17.73 -12.40
CA ILE A 223 -8.86 -18.45 -11.53
C ILE A 223 -9.11 -19.96 -11.56
N GLU A 224 -10.36 -20.38 -11.44
CA GLU A 224 -10.65 -21.81 -11.46
C GLU A 224 -10.29 -22.51 -12.76
N LYS A 225 -10.49 -21.84 -13.89
CA LYS A 225 -10.16 -22.45 -15.17
C LYS A 225 -8.64 -22.56 -15.40
N ALA A 226 -7.92 -21.48 -15.12
CA ALA A 226 -6.48 -21.48 -15.32
C ALA A 226 -5.83 -22.56 -14.44
N VAL A 227 -6.34 -22.75 -13.24
CA VAL A 227 -5.81 -23.74 -12.33
C VAL A 227 -6.21 -25.13 -12.81
N GLU A 228 -7.46 -25.26 -13.25
CA GLU A 228 -7.97 -26.53 -13.76
C GLU A 228 -7.08 -27.11 -14.86
N VAL A 229 -6.49 -26.24 -15.65
CA VAL A 229 -5.63 -26.68 -16.75
C VAL A 229 -4.14 -26.47 -16.43
N ASP A 230 -3.82 -26.46 -15.13
CA ASP A 230 -2.45 -26.29 -14.64
C ASP A 230 -1.65 -25.22 -15.36
N ALA A 231 -2.25 -24.03 -15.48
CA ALA A 231 -1.60 -22.88 -16.10
C ALA A 231 -1.09 -23.08 -17.53
N ASP A 232 -1.68 -24.02 -18.26
CA ASP A 232 -1.29 -24.26 -19.65
C ASP A 232 -2.14 -23.29 -20.49
N SER A 233 -1.59 -22.13 -20.82
CA SER A 233 -2.36 -21.15 -21.58
C SER A 233 -2.98 -21.65 -22.88
N SER A 234 -2.35 -22.65 -23.52
CA SER A 234 -2.88 -23.19 -24.77
C SER A 234 -4.25 -23.76 -24.53
N GLN A 235 -4.59 -24.01 -23.27
CA GLN A 235 -5.91 -24.55 -22.97
C GLN A 235 -6.89 -23.49 -22.45
N PHE A 236 -6.47 -22.22 -22.45
CA PHE A 236 -7.36 -21.15 -21.99
C PHE A 236 -8.49 -20.95 -23.00
N PRO A 237 -9.74 -20.79 -22.52
CA PRO A 237 -10.85 -20.58 -23.44
C PRO A 237 -10.48 -19.56 -24.52
N SER A 238 -10.88 -19.82 -25.76
CA SER A 238 -10.56 -18.95 -26.89
C SER A 238 -11.13 -17.55 -26.78
N ASN A 239 -12.25 -17.40 -26.07
CA ASN A 239 -12.88 -16.10 -25.91
C ASN A 239 -12.24 -15.21 -24.84
N TRP A 240 -11.06 -15.59 -24.34
CA TRP A 240 -10.35 -14.79 -23.33
C TRP A 240 -9.45 -13.76 -24.03
N ILE A 241 -9.34 -12.58 -23.45
CA ILE A 241 -8.50 -11.53 -24.02
C ILE A 241 -7.03 -11.90 -23.91
N PHE A 242 -6.73 -12.89 -23.07
CA PHE A 242 -5.37 -13.34 -22.85
C PHE A 242 -4.58 -13.65 -24.14
N HIS A 243 -5.18 -14.39 -25.04
CA HIS A 243 -4.52 -14.77 -26.28
C HIS A 243 -4.01 -13.65 -27.16
N ASN A 244 -4.75 -12.57 -27.28
CA ASN A 244 -4.32 -11.47 -28.14
C ASN A 244 -3.89 -10.23 -27.38
N ARG A 245 -3.73 -10.40 -26.08
CA ARG A 245 -3.33 -9.33 -25.18
C ARG A 245 -1.87 -8.89 -25.42
N GLU A 246 -1.11 -9.73 -26.09
CA GLU A 246 0.31 -9.44 -26.34
C GLU A 246 0.64 -9.01 -27.78
N LYS A 247 -0.37 -8.94 -28.64
CA LYS A 247 -0.15 -8.54 -30.02
C LYS A 247 0.02 -7.03 -30.21
N LYS A 248 0.70 -6.65 -31.29
CA LYS A 248 0.95 -5.26 -31.59
C LYS A 248 -0.32 -4.44 -31.73
N PRO A 249 -0.28 -3.18 -31.26
CA PRO A 249 -1.42 -2.27 -31.33
C PRO A 249 -1.92 -2.13 -32.77
N GLY A 250 -3.22 -2.27 -32.96
CA GLY A 250 -3.78 -2.18 -34.30
C GLY A 250 -4.18 -3.54 -34.82
N LYS A 251 -3.48 -4.58 -34.38
CA LYS A 251 -3.80 -5.94 -34.80
C LYS A 251 -4.17 -6.88 -33.64
N ALA A 252 -4.64 -6.28 -32.56
CA ALA A 252 -5.06 -7.04 -31.39
C ALA A 252 -6.57 -7.00 -31.31
N PHE A 253 -7.21 -8.14 -31.42
CA PHE A 253 -8.66 -8.23 -31.37
C PHE A 253 -9.02 -9.40 -30.50
N VAL A 254 -10.27 -9.46 -30.07
CA VAL A 254 -10.75 -10.57 -29.27
C VAL A 254 -12.23 -10.72 -29.60
N ASP A 255 -12.61 -11.93 -29.98
CA ASP A 255 -13.99 -12.21 -30.36
C ASP A 255 -14.39 -11.22 -31.43
N GLY A 256 -13.42 -10.75 -32.19
CA GLY A 256 -13.69 -9.81 -33.27
C GLY A 256 -13.70 -8.33 -32.93
N LYS A 257 -13.50 -7.98 -31.67
CA LYS A 257 -13.51 -6.58 -31.28
C LYS A 257 -12.12 -6.05 -30.96
N LYS A 258 -11.90 -4.78 -31.31
CA LYS A 258 -10.60 -4.15 -31.10
C LYS A 258 -10.19 -4.07 -29.66
N ILE A 259 -8.88 -4.23 -29.44
CA ILE A 259 -8.27 -4.16 -28.13
C ILE A 259 -7.36 -2.94 -28.10
N ASP A 260 -7.49 -2.12 -27.07
CA ASP A 260 -6.62 -0.95 -26.95
C ASP A 260 -5.78 -1.16 -25.71
N PHE A 261 -4.73 -0.37 -25.57
CA PHE A 261 -3.87 -0.51 -24.42
C PHE A 261 -3.79 0.80 -23.65
N ILE A 262 -4.37 0.82 -22.45
CA ILE A 262 -4.33 2.02 -21.62
C ILE A 262 -3.23 1.84 -20.56
N THR A 263 -2.41 2.87 -20.41
CA THR A 263 -1.30 2.84 -19.47
C THR A 263 -1.43 3.97 -18.47
N ALA A 264 -1.75 3.64 -17.22
CA ALA A 264 -1.88 4.65 -16.18
C ALA A 264 -0.91 4.37 -15.04
N GLY A 265 -0.09 5.36 -14.72
CA GLY A 265 0.88 5.20 -13.65
C GLY A 265 1.74 3.96 -13.77
N GLY A 266 2.38 3.78 -14.93
CA GLY A 266 3.24 2.63 -15.15
C GLY A 266 2.56 1.28 -15.34
N ARG A 267 1.24 1.24 -15.31
CA ARG A 267 0.51 -0.02 -15.47
C ARG A 267 -0.21 -0.07 -16.81
N THR A 268 0.01 -1.13 -17.57
CA THR A 268 -0.64 -1.28 -18.87
C THR A 268 -1.75 -2.32 -18.85
N THR A 269 -2.92 -1.92 -19.34
CA THR A 269 -4.06 -2.81 -19.38
C THR A 269 -4.60 -2.99 -20.79
N ALA A 270 -4.78 -4.23 -21.18
CA ALA A 270 -5.36 -4.51 -22.49
C ALA A 270 -6.86 -4.58 -22.22
N TYR A 271 -7.65 -3.82 -22.97
CA TYR A 271 -9.09 -3.84 -22.77
C TYR A 271 -9.82 -3.57 -24.06
N VAL A 272 -11.13 -3.82 -24.06
CA VAL A 272 -11.95 -3.62 -25.25
C VAL A 272 -12.87 -2.42 -25.03
N PRO A 273 -12.45 -1.24 -25.53
CA PRO A 273 -13.20 0.01 -25.41
C PRO A 273 -14.69 -0.13 -25.63
N GLU A 274 -15.05 -0.85 -26.69
CA GLU A 274 -16.45 -1.05 -27.00
C GLU A 274 -17.22 -1.73 -25.88
N LEU A 275 -16.56 -2.61 -25.12
CA LEU A 275 -17.22 -3.34 -24.05
C LEU A 275 -16.90 -2.95 -22.61
N GLN A 276 -15.82 -2.20 -22.41
CA GLN A 276 -15.43 -1.75 -21.09
C GLN A 276 -15.46 -0.24 -21.04
N LYS A 277 -16.55 0.31 -20.50
CA LYS A 277 -16.71 1.74 -20.43
C LYS A 277 -16.42 2.31 -19.04
N LEU A 278 -15.80 3.49 -19.01
CA LEU A 278 -15.52 4.18 -17.76
C LEU A 278 -16.80 4.93 -17.39
N TYR A 279 -17.31 4.70 -16.18
CA TYR A 279 -18.56 5.32 -15.71
C TYR A 279 -18.36 6.42 -14.68
N GLY A 280 -19.42 7.22 -14.47
CA GLY A 280 -19.37 8.26 -13.46
C GLY A 280 -19.42 9.69 -13.93
N LYS A 281 -19.45 10.62 -12.98
CA LYS A 281 -19.47 12.05 -13.32
C LYS A 281 -18.13 12.36 -13.97
N CYS A 282 -18.10 13.40 -14.80
CA CYS A 282 -16.88 13.78 -15.49
C CYS A 282 -15.68 14.02 -14.56
N VAL A 283 -15.87 14.78 -13.49
CA VAL A 283 -14.77 15.08 -12.58
C VAL A 283 -14.22 13.85 -11.85
N ASP A 284 -15.06 12.84 -11.63
CA ASP A 284 -14.57 11.62 -10.97
C ASP A 284 -13.76 10.81 -11.98
N LYS A 285 -14.21 10.78 -13.24
CA LYS A 285 -13.45 10.05 -14.26
C LYS A 285 -12.10 10.74 -14.39
N LEU A 286 -12.09 12.07 -14.37
CA LEU A 286 -10.84 12.82 -14.48
C LEU A 286 -9.90 12.50 -13.31
N ALA A 287 -10.45 12.48 -12.10
CA ALA A 287 -9.65 12.20 -10.92
C ALA A 287 -9.02 10.80 -11.01
N ALA A 288 -9.77 9.85 -11.56
CA ALA A 288 -9.28 8.49 -11.70
C ALA A 288 -8.15 8.46 -12.74
N ALA A 289 -8.33 9.14 -13.86
CA ALA A 289 -7.31 9.17 -14.90
C ALA A 289 -6.02 9.82 -14.39
N LEU A 290 -6.13 10.70 -13.39
CA LEU A 290 -4.99 11.40 -12.81
C LEU A 290 -4.54 10.81 -11.46
N GLU A 291 -5.20 9.75 -11.03
CA GLU A 291 -4.90 9.11 -9.76
C GLU A 291 -3.42 8.80 -9.53
N HIS A 292 -2.72 8.41 -10.58
CA HIS A 292 -1.31 8.09 -10.46
C HIS A 292 -0.46 9.20 -9.85
N HIS A 293 -1.02 10.40 -9.74
CA HIS A 293 -0.29 11.54 -9.16
C HIS A 293 -0.04 11.37 -7.66
N HIS A 294 -0.90 10.61 -7.01
CA HIS A 294 -0.82 10.35 -5.56
C HIS A 294 0.38 9.49 -5.14
N PRO B 2 -4.52 12.02 11.39
CA PRO B 2 -3.63 12.85 12.24
C PRO B 2 -2.68 13.63 11.36
N GLU B 3 -2.92 14.94 11.28
CA GLU B 3 -2.08 15.81 10.47
C GLU B 3 -1.20 16.68 11.40
N LEU B 4 -0.42 17.59 10.83
CA LEU B 4 0.48 18.42 11.65
C LEU B 4 -0.11 18.96 12.95
N PRO B 5 -1.28 19.61 12.90
CA PRO B 5 -1.91 20.17 14.11
C PRO B 5 -2.08 19.16 15.26
N GLU B 6 -2.64 18.00 14.96
CA GLU B 6 -2.86 16.99 15.97
C GLU B 6 -1.55 16.44 16.52
N VAL B 7 -0.56 16.27 15.66
CA VAL B 7 0.74 15.77 16.10
C VAL B 7 1.39 16.82 16.97
N GLU B 8 1.24 18.07 16.56
CA GLU B 8 1.81 19.20 17.28
C GLU B 8 1.19 19.29 18.67
N ALA B 9 -0.12 19.12 18.73
CA ALA B 9 -0.83 19.18 20.00
C ALA B 9 -0.28 18.12 20.95
N ALA B 10 0.04 16.94 20.40
CA ALA B 10 0.60 15.85 21.18
C ALA B 10 2.00 16.22 21.69
N ARG B 11 2.78 16.91 20.86
CA ARG B 11 4.12 17.31 21.22
C ARG B 11 4.05 18.35 22.34
N ARG B 12 3.08 19.25 22.23
CA ARG B 12 2.91 20.30 23.21
C ARG B 12 2.43 19.70 24.54
N ALA B 13 1.58 18.68 24.46
CA ALA B 13 1.07 18.03 25.66
C ALA B 13 2.19 17.30 26.39
N ILE B 14 3.02 16.61 25.62
CA ILE B 14 4.14 15.88 26.20
C ILE B 14 5.17 16.77 26.88
N GLU B 15 5.52 17.89 26.25
CA GLU B 15 6.52 18.78 26.82
C GLU B 15 6.06 19.62 28.01
N GLU B 16 4.78 19.94 28.07
CA GLU B 16 4.30 20.75 29.19
C GLU B 16 4.00 19.91 30.42
N ASN B 17 4.20 18.59 30.29
CA ASN B 17 3.93 17.69 31.41
C ASN B 17 5.02 16.66 31.71
N CYS B 18 5.52 15.99 30.68
CA CYS B 18 6.51 14.93 30.83
C CYS B 18 7.99 15.30 30.69
N LEU B 19 8.32 16.59 30.82
CA LEU B 19 9.72 17.01 30.69
C LEU B 19 10.44 17.21 32.03
N GLY B 20 11.75 17.03 31.98
CA GLY B 20 12.56 17.20 33.18
C GLY B 20 12.16 16.24 34.29
N LYS B 21 11.45 15.18 33.93
CA LYS B 21 11.01 14.21 34.93
C LYS B 21 11.39 12.79 34.55
N LYS B 22 12.24 12.19 35.38
CA LYS B 22 12.75 10.84 35.20
C LYS B 22 11.69 9.76 35.03
N ILE B 23 12.02 8.74 34.25
CA ILE B 23 11.13 7.61 34.00
C ILE B 23 11.41 6.53 35.05
N LYS B 24 10.38 5.78 35.44
CA LYS B 24 10.55 4.73 36.45
C LYS B 24 9.88 3.39 36.11
N ARG B 25 9.35 3.27 34.91
CA ARG B 25 8.69 2.04 34.49
C ARG B 25 8.35 2.12 33.01
N VAL B 26 8.62 1.04 32.28
CA VAL B 26 8.36 1.01 30.84
C VAL B 26 7.73 -0.30 30.37
N ILE B 27 6.86 -0.21 29.38
CA ILE B 27 6.19 -1.37 28.82
C ILE B 27 5.91 -1.15 27.34
N ILE B 28 6.44 -2.04 26.50
CA ILE B 28 6.25 -1.92 25.05
C ILE B 28 5.57 -3.17 24.50
N ALA B 29 4.44 -3.00 23.82
CA ALA B 29 3.73 -4.12 23.25
C ALA B 29 4.51 -4.67 22.06
N ASP B 30 4.06 -5.79 21.51
CA ASP B 30 4.75 -6.39 20.38
C ASP B 30 3.85 -6.54 19.16
N ASP B 31 4.31 -6.05 18.02
CA ASP B 31 3.53 -6.13 16.78
C ASP B 31 4.47 -6.04 15.57
N ASN B 32 4.39 -7.05 14.70
CA ASN B 32 5.24 -7.12 13.50
C ASN B 32 5.37 -5.82 12.73
N LYS B 33 4.39 -4.94 12.81
CA LYS B 33 4.46 -3.69 12.07
C LYS B 33 4.19 -2.41 12.85
N VAL B 34 4.32 -2.47 14.17
CA VAL B 34 4.12 -1.29 15.00
C VAL B 34 5.51 -0.82 15.40
N ILE B 35 6.30 -1.76 15.91
CA ILE B 35 7.66 -1.45 16.30
C ILE B 35 8.53 -1.87 15.12
N HIS B 36 9.05 -0.88 14.41
CA HIS B 36 9.86 -1.13 13.23
C HIS B 36 11.36 -1.15 13.47
N GLY B 37 11.97 -2.31 13.25
CA GLY B 37 13.40 -2.46 13.42
C GLY B 37 13.98 -2.51 14.83
N ILE B 38 13.34 -3.25 15.73
CA ILE B 38 13.87 -3.36 17.09
C ILE B 38 12.99 -4.25 17.95
N SER B 39 13.60 -4.88 18.94
CA SER B 39 12.89 -5.79 19.85
C SER B 39 12.43 -5.09 21.13
N PRO B 40 11.30 -5.54 21.68
CA PRO B 40 10.75 -4.98 22.90
C PRO B 40 11.58 -5.35 24.15
N THR B 51 15.14 9.43 30.76
CA THR B 51 14.54 10.67 31.26
C THR B 51 14.29 11.69 30.13
N ILE B 52 13.02 11.90 29.80
CA ILE B 52 12.62 12.84 28.76
C ILE B 52 12.97 14.28 29.12
N ILE B 53 13.53 15.01 28.16
CA ILE B 53 13.89 16.40 28.41
C ILE B 53 13.59 17.29 27.21
N SER B 54 12.97 16.71 26.18
CA SER B 54 12.64 17.46 24.98
C SER B 54 11.65 16.72 24.08
N ALA B 55 10.61 17.43 23.63
CA ALA B 55 9.59 16.85 22.75
C ALA B 55 9.70 17.53 21.40
N ARG B 56 10.01 16.76 20.36
CA ARG B 56 10.18 17.33 19.03
C ARG B 56 9.21 16.82 17.96
N ARG B 57 9.16 17.54 16.86
CA ARG B 57 8.30 17.20 15.73
C ARG B 57 8.66 17.83 14.40
N LYS B 58 8.57 17.03 13.35
CA LYS B 58 8.80 17.49 11.99
C LYS B 58 7.75 16.78 11.15
N GLY B 59 6.90 17.56 10.49
CA GLY B 59 5.85 16.97 9.69
C GLY B 59 4.88 16.28 10.63
N LYS B 60 4.47 15.07 10.27
CA LYS B 60 3.55 14.30 11.10
C LYS B 60 4.38 13.30 11.89
N ASN B 61 5.52 13.75 12.39
CA ASN B 61 6.43 12.92 13.15
C ASN B 61 6.77 13.50 14.51
N LEU B 62 6.77 12.64 15.52
CA LEU B 62 7.08 13.05 16.88
C LEU B 62 8.22 12.20 17.38
N TRP B 63 9.19 12.83 18.05
CA TRP B 63 10.30 12.07 18.59
C TRP B 63 10.68 12.66 19.94
N LEU B 64 10.97 11.78 20.90
CA LEU B 64 11.33 12.21 22.25
C LEU B 64 12.84 12.22 22.47
N GLU B 65 13.34 13.35 22.95
CA GLU B 65 14.76 13.54 23.23
C GLU B 65 15.03 13.30 24.71
N LEU B 66 15.46 12.08 25.02
CA LEU B 66 15.75 11.68 26.39
C LEU B 66 17.04 12.27 26.93
N ASP B 67 17.52 11.70 28.03
CA ASP B 67 18.74 12.15 28.70
C ASP B 67 19.95 11.71 27.88
N SER B 68 19.87 10.50 27.34
CA SER B 68 20.93 9.91 26.53
C SER B 68 20.31 8.97 25.52
N PRO B 69 20.75 9.03 24.26
CA PRO B 69 20.22 8.16 23.20
C PRO B 69 20.22 6.66 23.53
N PRO B 70 19.52 5.85 22.72
CA PRO B 70 18.75 6.24 21.54
C PRO B 70 17.42 6.93 21.87
N PHE B 71 16.89 7.70 20.92
CA PHE B 71 15.62 8.40 21.10
C PHE B 71 14.49 7.73 20.35
N PRO B 72 13.27 7.69 20.95
CA PRO B 72 12.10 7.07 20.32
C PRO B 72 11.35 8.03 19.41
N SER B 73 10.91 7.53 18.25
CA SER B 73 10.16 8.35 17.30
C SER B 73 8.80 7.71 17.05
N PHE B 74 7.84 8.52 16.63
CA PHE B 74 6.48 8.06 16.36
C PHE B 74 5.93 8.59 15.04
N GLN B 75 5.66 7.68 14.11
CA GLN B 75 5.10 8.05 12.82
C GLN B 75 3.61 7.67 12.84
N PHE B 76 2.79 8.58 13.35
CA PHE B 76 1.35 8.40 13.48
C PHE B 76 0.59 7.59 12.44
N GLY B 77 0.59 8.05 11.20
CA GLY B 77 -0.11 7.33 10.16
C GLY B 77 -1.61 7.57 10.15
N MSE B 78 -2.37 6.49 9.94
CA MSE B 78 -3.82 6.56 9.89
C MSE B 78 -4.55 6.95 11.18
O MSE B 78 -5.46 7.76 11.15
CB MSE B 78 -4.40 5.23 9.37
CG MSE B 78 -5.93 5.15 9.39
SE MSE B 78 -6.63 3.69 8.60
CE MSE B 78 -7.40 4.43 7.14
N ALA B 79 -4.13 6.38 12.30
CA ALA B 79 -4.81 6.69 13.55
C ALA B 79 -4.00 6.48 14.83
N GLY B 80 -2.84 7.11 14.91
CA GLY B 80 -2.03 6.97 16.12
C GLY B 80 -2.41 8.10 17.04
N ALA B 81 -2.11 7.97 18.34
CA ALA B 81 -2.44 9.04 19.27
C ALA B 81 -1.68 8.97 20.58
N ILE B 82 -1.59 10.12 21.25
CA ILE B 82 -0.91 10.22 22.52
C ILE B 82 -1.95 10.44 23.62
N TYR B 83 -1.71 9.85 24.78
CA TYR B 83 -2.61 9.99 25.92
C TYR B 83 -1.82 10.10 27.22
N ILE B 84 -1.94 11.25 27.89
CA ILE B 84 -1.24 11.45 29.15
C ILE B 84 -2.23 11.43 30.31
N LYS B 85 -2.18 10.38 31.10
CA LYS B 85 -3.07 10.22 32.25
C LYS B 85 -2.53 10.89 33.51
N GLY B 86 -3.36 11.73 34.10
CA GLY B 86 -2.97 12.43 35.33
C GLY B 86 -2.83 13.94 35.16
N VAL B 87 -3.04 14.43 33.94
CA VAL B 87 -2.92 15.86 33.68
C VAL B 87 -4.28 16.56 33.54
N ALA B 88 -4.25 17.87 33.40
CA ALA B 88 -5.45 18.69 33.26
C ALA B 88 -6.19 18.42 31.95
N VAL B 89 -7.34 17.75 32.04
CA VAL B 89 -8.16 17.40 30.88
C VAL B 89 -8.70 18.64 30.16
N THR B 90 -8.83 19.73 30.90
CA THR B 90 -9.34 20.99 30.34
C THR B 90 -8.27 21.73 29.54
N LYS B 91 -7.00 21.46 29.83
CA LYS B 91 -5.88 22.12 29.18
C LYS B 91 -5.25 21.33 28.04
N TYR B 92 -5.38 20.00 28.08
CA TYR B 92 -4.80 19.13 27.06
C TYR B 92 -5.86 18.13 26.62
N LYS B 93 -6.99 18.65 26.17
CA LYS B 93 -8.14 17.85 25.74
C LYS B 93 -7.84 16.65 24.84
N ARG B 94 -7.16 16.89 23.72
CA ARG B 94 -6.84 15.81 22.78
C ARG B 94 -6.19 14.61 23.45
N SER B 95 -5.41 14.86 24.50
CA SER B 95 -4.70 13.80 25.21
C SER B 95 -5.28 13.48 26.58
N ALA B 96 -6.59 13.67 26.73
CA ALA B 96 -7.26 13.41 27.99
C ALA B 96 -7.54 11.93 28.21
N VAL B 97 -7.42 11.49 29.46
CA VAL B 97 -7.66 10.09 29.79
C VAL B 97 -8.67 9.97 30.93
N LYS B 98 -9.73 9.20 30.69
CA LYS B 98 -10.78 9.00 31.70
C LYS B 98 -10.32 7.95 32.70
N ASP B 99 -11.11 7.75 33.74
CA ASP B 99 -10.79 6.75 34.75
C ASP B 99 -11.55 5.47 34.46
N SER B 100 -12.77 5.63 33.94
CA SER B 100 -13.60 4.48 33.61
C SER B 100 -12.89 3.55 32.61
N GLU B 101 -12.68 4.03 31.39
CA GLU B 101 -12.04 3.23 30.34
C GLU B 101 -10.71 2.61 30.80
N GLU B 102 -10.47 1.38 30.36
CA GLU B 102 -9.27 0.65 30.74
C GLU B 102 -7.95 1.33 30.40
N TRP B 103 -7.00 1.23 31.32
CA TRP B 103 -5.69 1.84 31.14
C TRP B 103 -4.60 1.10 31.93
N PRO B 104 -3.45 0.81 31.29
CA PRO B 104 -3.09 1.13 29.90
C PRO B 104 -4.04 0.50 28.87
N SER B 105 -4.39 1.27 27.85
CA SER B 105 -5.29 0.80 26.81
C SER B 105 -4.81 -0.54 26.30
N LYS B 106 -5.71 -1.30 25.68
CA LYS B 106 -5.38 -2.61 25.14
C LYS B 106 -4.56 -2.43 23.86
N TYR B 107 -4.54 -1.20 23.36
CA TYR B 107 -3.81 -0.88 22.13
C TYR B 107 -2.58 -0.02 22.39
N SER B 108 -2.14 0.02 23.64
CA SER B 108 -0.97 0.80 24.01
C SER B 108 0.28 0.15 23.45
N LYS B 109 1.04 0.90 22.67
CA LYS B 109 2.26 0.39 22.07
C LYS B 109 3.50 0.99 22.72
N PHE B 110 3.30 2.07 23.47
CA PHE B 110 4.39 2.73 24.15
C PHE B 110 3.89 3.27 25.48
N PHE B 111 4.20 2.57 26.57
CA PHE B 111 3.77 3.01 27.89
C PHE B 111 4.96 3.47 28.71
N VAL B 112 4.69 4.23 29.78
CA VAL B 112 5.76 4.73 30.63
C VAL B 112 5.24 5.55 31.81
N GLU B 113 5.90 5.40 32.96
CA GLU B 113 5.51 6.16 34.15
C GLU B 113 6.73 6.92 34.66
N LEU B 114 6.49 8.15 35.13
CA LEU B 114 7.57 9.00 35.62
C LEU B 114 7.64 8.97 37.14
N ASP B 115 8.61 9.68 37.69
CA ASP B 115 8.77 9.76 39.14
C ASP B 115 7.71 10.73 39.67
N ASP B 116 7.07 11.42 38.73
CA ASP B 116 6.01 12.39 39.03
C ASP B 116 4.72 11.64 39.36
N GLY B 117 4.37 10.68 38.51
CA GLY B 117 3.16 9.92 38.71
C GLY B 117 2.35 9.82 37.43
N LEU B 118 2.67 10.70 36.47
CA LEU B 118 1.98 10.72 35.20
C LEU B 118 2.28 9.45 34.40
N GLU B 119 1.39 9.12 33.48
CA GLU B 119 1.56 7.93 32.65
C GLU B 119 1.24 8.28 31.20
N LEU B 120 2.30 8.39 30.40
CA LEU B 120 2.19 8.72 28.99
C LEU B 120 2.12 7.45 28.15
N SER B 121 1.34 7.49 27.08
CA SER B 121 1.19 6.33 26.21
C SER B 121 0.83 6.69 24.78
N PHE B 122 1.39 5.93 23.84
CA PHE B 122 1.10 6.13 22.42
C PHE B 122 0.29 4.95 21.94
N THR B 123 -0.99 5.16 21.75
CA THR B 123 -1.90 4.11 21.30
C THR B 123 -2.08 4.13 19.79
N ASP B 124 -2.62 3.04 19.25
CA ASP B 124 -2.88 2.90 17.83
C ASP B 124 -3.49 1.55 17.53
N LYS B 125 -4.81 1.52 17.38
CA LYS B 125 -5.50 0.26 17.09
C LYS B 125 -5.68 0.12 15.58
N ARG B 126 -4.88 0.85 14.83
CA ARG B 126 -4.96 0.80 13.38
C ARG B 126 -3.83 -0.03 12.78
N ARG B 127 -2.77 -0.20 13.56
CA ARG B 127 -1.58 -0.96 13.16
C ARG B 127 -0.89 -0.36 11.92
N PHE B 128 -1.11 0.92 11.68
CA PHE B 128 -0.50 1.61 10.55
C PHE B 128 0.60 2.53 11.03
N ALA B 129 0.71 2.66 12.34
CA ALA B 129 1.73 3.51 12.93
C ALA B 129 3.05 2.76 13.06
N LYS B 130 4.14 3.50 12.98
CA LYS B 130 5.48 2.94 13.10
C LYS B 130 6.26 3.65 14.19
N VAL B 131 6.49 2.95 15.29
CA VAL B 131 7.26 3.51 16.41
C VAL B 131 8.70 3.03 16.27
N ARG B 132 9.65 3.95 16.33
CA ARG B 132 11.05 3.60 16.18
C ARG B 132 11.91 4.05 17.36
N LEU B 133 13.20 3.76 17.26
CA LEU B 133 14.20 4.11 18.25
C LEU B 133 15.53 4.24 17.52
N LEU B 134 16.02 5.47 17.40
CA LEU B 134 17.28 5.71 16.69
C LEU B 134 18.25 6.56 17.49
N ALA B 135 19.51 6.58 17.07
CA ALA B 135 20.54 7.38 17.73
C ALA B 135 20.24 8.84 17.45
N ASN B 136 19.71 9.09 16.26
CA ASN B 136 19.35 10.44 15.84
C ASN B 136 18.27 10.35 14.77
N PRO B 137 17.00 10.54 15.17
CA PRO B 137 15.85 10.48 14.25
C PRO B 137 15.91 11.46 13.08
N THR B 138 16.63 12.56 13.26
CA THR B 138 16.74 13.58 12.22
C THR B 138 17.78 13.22 11.15
N SER B 139 18.09 11.93 11.03
CA SER B 139 19.08 11.51 10.05
C SER B 139 18.84 10.13 9.44
N VAL B 140 17.61 9.66 9.54
CA VAL B 140 17.26 8.35 8.99
C VAL B 140 15.82 8.37 8.51
N SER B 141 15.48 7.43 7.64
CA SER B 141 14.12 7.33 7.14
C SER B 141 13.16 7.29 8.33
N PRO B 142 12.04 8.02 8.25
CA PRO B 142 11.65 8.84 7.09
C PRO B 142 11.86 10.33 7.32
N ILE B 143 12.16 10.70 8.56
CA ILE B 143 12.32 12.12 8.91
C ILE B 143 13.38 12.87 8.11
N SER B 144 14.52 12.24 7.87
CA SER B 144 15.60 12.88 7.12
C SER B 144 15.22 13.22 5.68
N GLU B 145 14.21 12.52 5.17
CA GLU B 145 13.75 12.74 3.80
C GLU B 145 12.45 13.56 3.75
N LEU B 146 12.19 14.30 4.82
CA LEU B 146 11.00 15.14 4.93
C LEU B 146 11.26 16.54 4.39
N GLY B 147 10.39 17.01 3.48
CA GLY B 147 10.56 18.35 2.95
C GLY B 147 10.46 19.33 4.11
N PRO B 148 10.65 20.64 3.87
CA PRO B 148 10.56 21.60 4.97
C PRO B 148 9.20 21.64 5.67
N ASP B 149 9.21 21.43 6.98
CA ASP B 149 7.99 21.46 7.77
C ASP B 149 7.16 22.68 7.37
N ALA B 150 5.85 22.51 7.30
CA ALA B 150 4.97 23.60 6.90
C ALA B 150 4.74 24.64 7.99
N LEU B 151 5.10 24.32 9.22
CA LEU B 151 4.92 25.26 10.32
C LEU B 151 6.24 25.94 10.70
N LEU B 152 7.25 25.13 11.00
CA LEU B 152 8.55 25.67 11.42
C LEU B 152 9.42 26.26 10.31
N GLU B 153 9.39 25.67 9.11
CA GLU B 153 10.21 26.19 8.02
C GLU B 153 9.48 26.38 6.70
N PRO B 154 8.57 27.37 6.64
CA PRO B 154 7.80 27.68 5.44
C PRO B 154 8.61 28.31 4.31
N MSE B 155 8.12 28.17 3.09
CA MSE B 155 8.79 28.75 1.93
C MSE B 155 8.35 30.21 1.82
O MSE B 155 7.29 30.58 2.31
CB MSE B 155 8.40 27.99 0.64
CG MSE B 155 8.91 26.55 0.53
SE MSE B 155 8.35 25.61 -0.94
CE MSE B 155 9.77 25.71 -1.97
N THR B 156 9.17 31.04 1.19
CA THR B 156 8.79 32.44 1.02
C THR B 156 7.74 32.42 -0.08
N VAL B 157 6.98 33.50 -0.21
CA VAL B 157 5.94 33.54 -1.24
C VAL B 157 6.44 33.06 -2.60
N ASP B 158 7.60 33.54 -3.05
CA ASP B 158 8.08 33.11 -4.37
C ASP B 158 9.06 31.93 -4.41
N GLU B 159 9.39 31.36 -3.26
CA GLU B 159 10.25 30.17 -3.28
C GLU B 159 9.22 29.11 -3.63
N PHE B 160 8.01 29.36 -3.14
CA PHE B 160 6.84 28.50 -3.32
C PHE B 160 6.42 28.53 -4.78
N ALA B 161 6.11 29.72 -5.29
CA ALA B 161 5.70 29.89 -6.67
C ALA B 161 6.75 29.34 -7.64
N GLU B 162 8.01 29.38 -7.24
CA GLU B 162 9.08 28.89 -8.09
C GLU B 162 9.07 27.38 -8.15
N SER B 163 8.79 26.76 -7.02
CA SER B 163 8.74 25.31 -6.92
C SER B 163 7.49 24.74 -7.60
N LEU B 164 6.41 25.51 -7.57
CA LEU B 164 5.16 25.06 -8.19
C LEU B 164 5.19 25.11 -9.73
N ALA B 165 6.03 25.98 -10.28
CA ALA B 165 6.13 26.10 -11.72
C ALA B 165 6.86 24.90 -12.32
N LYS B 166 7.73 24.28 -11.53
CA LYS B 166 8.49 23.13 -11.98
C LYS B 166 7.75 21.82 -11.74
N LYS B 167 6.54 21.91 -11.21
CA LYS B 167 5.75 20.72 -10.93
C LYS B 167 4.67 20.48 -11.99
N LYS B 168 4.58 19.24 -12.45
CA LYS B 168 3.60 18.90 -13.46
C LYS B 168 2.32 18.26 -12.92
N ILE B 169 2.43 17.53 -11.82
CA ILE B 169 1.26 16.87 -11.26
C ILE B 169 0.19 17.81 -10.70
N THR B 170 -0.97 17.25 -10.40
CA THR B 170 -2.10 18.00 -9.86
C THR B 170 -1.82 18.47 -8.42
N ILE B 171 -2.22 19.70 -8.10
CA ILE B 171 -1.95 20.33 -6.80
C ILE B 171 -2.21 19.59 -5.47
N LYS B 172 -3.35 18.93 -5.30
CA LYS B 172 -3.59 18.26 -4.02
C LYS B 172 -2.56 17.16 -3.73
N PRO B 173 -2.30 16.26 -4.69
CA PRO B 173 -1.32 15.21 -4.44
C PRO B 173 0.04 15.78 -4.05
N LEU B 174 0.39 16.93 -4.64
CA LEU B 174 1.64 17.59 -4.33
C LEU B 174 1.68 18.02 -2.87
N LEU B 175 0.60 18.66 -2.42
CA LEU B 175 0.51 19.12 -1.04
C LEU B 175 0.58 17.97 -0.04
N LEU B 176 0.19 16.77 -0.47
CA LEU B 176 0.24 15.61 0.41
C LEU B 176 1.62 14.94 0.39
N ASP B 177 2.45 15.33 -0.58
CA ASP B 177 3.80 14.76 -0.71
C ASP B 177 4.65 15.30 0.43
N GLN B 178 4.95 14.45 1.42
CA GLN B 178 5.75 14.89 2.55
C GLN B 178 7.19 15.23 2.12
N GLY B 179 7.56 14.82 0.91
CA GLY B 179 8.88 15.11 0.41
C GLY B 179 8.98 16.55 -0.04
N TYR B 180 7.86 17.09 -0.53
CA TYR B 180 7.79 18.48 -1.00
C TYR B 180 7.67 19.39 0.22
N ILE B 181 6.53 19.30 0.90
CA ILE B 181 6.25 20.06 2.12
C ILE B 181 5.77 18.99 3.11
N SER B 182 6.22 19.06 4.36
CA SER B 182 5.81 18.05 5.33
C SER B 182 4.79 18.56 6.33
N GLY B 183 3.83 17.71 6.69
CA GLY B 183 2.82 18.09 7.67
C GLY B 183 1.39 18.17 7.18
N ILE B 184 1.19 18.46 5.91
CA ILE B 184 -0.15 18.58 5.34
C ILE B 184 -0.80 17.24 5.01
N GLY B 185 -2.02 17.04 5.52
CA GLY B 185 -2.76 15.83 5.26
C GLY B 185 -4.04 16.10 4.51
N ASN B 186 -4.92 15.09 4.42
CA ASN B 186 -6.18 15.22 3.69
C ASN B 186 -7.07 16.42 4.04
N TRP B 187 -7.43 16.59 5.31
CA TRP B 187 -8.30 17.72 5.64
C TRP B 187 -7.64 19.10 5.46
N ILE B 188 -6.39 19.24 5.83
CA ILE B 188 -5.72 20.53 5.64
C ILE B 188 -5.61 20.84 4.14
N ALA B 189 -5.27 19.83 3.34
CA ALA B 189 -5.16 20.01 1.88
C ALA B 189 -6.46 20.58 1.30
N ASP B 190 -7.59 19.96 1.63
CA ASP B 190 -8.88 20.43 1.11
C ASP B 190 -9.16 21.84 1.61
N GLU B 191 -8.91 22.06 2.89
CA GLU B 191 -9.15 23.35 3.50
C GLU B 191 -8.36 24.47 2.85
N VAL B 192 -7.05 24.29 2.70
CA VAL B 192 -6.24 25.34 2.10
C VAL B 192 -6.65 25.62 0.65
N LEU B 193 -7.01 24.57 -0.09
CA LEU B 193 -7.41 24.72 -1.48
C LEU B 193 -8.77 25.40 -1.53
N TYR B 194 -9.67 25.02 -0.63
CA TYR B 194 -10.99 25.62 -0.61
C TYR B 194 -10.89 27.11 -0.31
N GLN B 195 -10.10 27.46 0.71
CA GLN B 195 -9.91 28.86 1.09
C GLN B 195 -9.29 29.69 -0.01
N ALA B 196 -8.26 29.13 -0.66
CA ALA B 196 -7.57 29.83 -1.74
C ALA B 196 -8.38 29.74 -3.05
N ARG B 197 -9.51 29.04 -3.00
CA ARG B 197 -10.37 28.91 -4.16
C ARG B 197 -9.66 28.20 -5.32
N ILE B 198 -8.98 27.10 -5.03
CA ILE B 198 -8.27 26.36 -6.07
C ILE B 198 -8.80 24.93 -6.17
N HIS B 199 -9.10 24.49 -7.39
CA HIS B 199 -9.59 23.14 -7.62
C HIS B 199 -8.49 22.14 -7.35
N PRO B 200 -8.79 21.07 -6.57
CA PRO B 200 -7.81 20.04 -6.22
C PRO B 200 -7.15 19.40 -7.44
N LEU B 201 -7.84 19.43 -8.58
CA LEU B 201 -7.30 18.80 -9.78
C LEU B 201 -6.58 19.75 -10.74
N GLN B 202 -6.22 20.94 -10.28
CA GLN B 202 -5.52 21.85 -11.17
C GLN B 202 -4.03 21.50 -11.13
N THR B 203 -3.36 21.56 -12.26
CA THR B 203 -1.92 21.24 -12.30
C THR B 203 -1.14 22.41 -11.68
N ALA B 204 -0.17 22.10 -10.82
CA ALA B 204 0.63 23.14 -10.18
C ALA B 204 1.24 24.13 -11.17
N SER B 205 1.86 23.60 -12.23
CA SER B 205 2.51 24.45 -13.23
C SER B 205 1.56 25.45 -13.88
N SER B 206 0.26 25.20 -13.78
CA SER B 206 -0.73 26.10 -14.37
C SER B 206 -1.26 27.13 -13.38
N LEU B 207 -0.75 27.12 -12.15
CA LEU B 207 -1.19 28.08 -11.15
C LEU B 207 -0.57 29.45 -11.45
N SER B 208 -1.40 30.49 -11.46
CA SER B 208 -0.92 31.85 -11.72
C SER B 208 -0.09 32.33 -10.53
N LYS B 209 0.57 33.48 -10.69
CA LYS B 209 1.39 34.01 -9.60
C LYS B 209 0.49 34.39 -8.43
N GLU B 210 -0.63 35.03 -8.76
CA GLU B 210 -1.60 35.46 -7.75
C GLU B 210 -2.26 34.27 -7.07
N GLN B 211 -2.30 33.15 -7.79
CA GLN B 211 -2.92 31.93 -7.29
C GLN B 211 -2.01 31.25 -6.26
N CYS B 212 -0.71 31.16 -6.57
CA CYS B 212 0.25 30.54 -5.66
C CYS B 212 0.31 31.31 -4.33
N GLU B 213 0.25 32.62 -4.43
CA GLU B 213 0.31 33.49 -3.26
C GLU B 213 -0.91 33.23 -2.38
N ALA B 214 -2.08 33.14 -2.99
CA ALA B 214 -3.30 32.89 -2.25
C ALA B 214 -3.17 31.57 -1.50
N LEU B 215 -2.64 30.53 -2.16
CA LEU B 215 -2.47 29.23 -1.51
C LEU B 215 -1.46 29.35 -0.38
N HIS B 216 -0.45 30.18 -0.58
CA HIS B 216 0.58 30.41 0.43
C HIS B 216 -0.07 31.01 1.67
N THR B 217 -0.99 31.93 1.45
CA THR B 217 -1.72 32.60 2.52
C THR B 217 -2.57 31.59 3.30
N SER B 218 -3.37 30.81 2.58
CA SER B 218 -4.24 29.78 3.18
C SER B 218 -3.50 28.74 4.01
N ILE B 219 -2.40 28.21 3.46
CA ILE B 219 -1.64 27.20 4.18
C ILE B 219 -1.19 27.73 5.55
N LYS B 220 -0.83 29.01 5.58
CA LYS B 220 -0.38 29.65 6.80
C LYS B 220 -1.57 29.92 7.70
N GLU B 221 -2.60 30.56 7.17
CA GLU B 221 -3.78 30.88 7.96
C GLU B 221 -4.42 29.63 8.55
N VAL B 222 -4.39 28.52 7.80
CA VAL B 222 -4.98 27.28 8.30
C VAL B 222 -4.14 26.55 9.33
N ILE B 223 -2.86 26.35 9.02
CA ILE B 223 -1.99 25.65 9.94
C ILE B 223 -1.78 26.39 11.26
N GLU B 224 -1.74 27.72 11.19
CA GLU B 224 -1.52 28.50 12.40
C GLU B 224 -2.77 28.50 13.28
N LYS B 225 -3.93 28.72 12.67
CA LYS B 225 -5.18 28.73 13.43
C LYS B 225 -5.44 27.37 14.06
N ALA B 226 -5.09 26.32 13.33
CA ALA B 226 -5.29 24.95 13.80
C ALA B 226 -4.43 24.67 15.03
N VAL B 227 -3.15 25.04 14.94
CA VAL B 227 -2.23 24.84 16.04
C VAL B 227 -2.59 25.78 17.19
N GLU B 228 -3.16 26.93 16.85
CA GLU B 228 -3.55 27.91 17.86
C GLU B 228 -4.59 27.34 18.81
N VAL B 229 -5.55 26.59 18.28
CA VAL B 229 -6.58 26.00 19.11
C VAL B 229 -6.26 24.56 19.48
N ASP B 230 -4.98 24.24 19.45
CA ASP B 230 -4.46 22.91 19.78
C ASP B 230 -5.24 21.76 19.15
N ALA B 231 -5.49 21.87 17.85
CA ALA B 231 -6.19 20.84 17.11
C ALA B 231 -7.61 20.55 17.59
N ASP B 232 -8.20 21.46 18.35
CA ASP B 232 -9.58 21.26 18.79
C ASP B 232 -10.47 21.73 17.65
N SER B 233 -10.87 20.79 16.79
CA SER B 233 -11.69 21.11 15.63
C SER B 233 -13.00 21.82 15.96
N SER B 234 -13.54 21.61 17.16
CA SER B 234 -14.78 22.26 17.55
C SER B 234 -14.60 23.77 17.59
N GLN B 235 -13.35 24.22 17.61
CA GLN B 235 -13.06 25.64 17.65
C GLN B 235 -12.50 26.23 16.35
N PHE B 236 -12.47 25.44 15.28
CA PHE B 236 -11.99 25.96 14.01
C PHE B 236 -13.05 26.94 13.53
N PRO B 237 -12.65 27.96 12.74
CA PRO B 237 -13.59 28.95 12.22
C PRO B 237 -14.77 28.26 11.51
N SER B 238 -15.99 28.68 11.82
CA SER B 238 -17.19 28.08 11.21
C SER B 238 -17.16 28.19 9.69
N ASN B 239 -16.20 28.96 9.20
CA ASN B 239 -15.98 29.23 7.78
C ASN B 239 -15.35 28.05 7.03
N TRP B 240 -14.64 27.21 7.78
CA TRP B 240 -13.93 26.06 7.21
C TRP B 240 -14.79 24.91 6.65
N ILE B 241 -14.41 24.43 5.47
CA ILE B 241 -15.14 23.33 4.83
C ILE B 241 -14.97 22.07 5.69
N PHE B 242 -14.01 22.12 6.61
CA PHE B 242 -13.75 21.00 7.50
C PHE B 242 -14.96 20.48 8.25
N HIS B 243 -15.75 21.39 8.80
CA HIS B 243 -16.90 20.99 9.59
C HIS B 243 -17.93 20.11 8.90
N ASN B 244 -18.16 20.33 7.61
CA ASN B 244 -19.13 19.54 6.88
C ASN B 244 -18.51 18.65 5.79
N ARG B 245 -17.20 18.41 5.86
CA ARG B 245 -16.53 17.60 4.85
C ARG B 245 -16.76 16.10 4.96
N GLU B 246 -17.28 15.62 6.09
CA GLU B 246 -17.52 14.20 6.27
C GLU B 246 -18.99 13.85 6.08
N LYS B 247 -19.76 14.77 5.52
CA LYS B 247 -21.18 14.52 5.33
C LYS B 247 -21.51 13.91 3.96
N LYS B 248 -22.62 13.18 3.92
CA LYS B 248 -23.05 12.52 2.69
C LYS B 248 -23.29 13.50 1.56
N PRO B 249 -23.01 13.07 0.32
CA PRO B 249 -23.19 13.93 -0.84
C PRO B 249 -24.62 14.44 -0.99
N GLY B 250 -24.74 15.72 -1.35
CA GLY B 250 -26.04 16.33 -1.49
C GLY B 250 -26.52 16.98 -0.20
N LYS B 251 -25.97 16.54 0.93
CA LYS B 251 -26.37 17.06 2.25
C LYS B 251 -25.23 17.82 2.93
N ALA B 252 -24.15 18.06 2.20
CA ALA B 252 -23.00 18.76 2.74
C ALA B 252 -22.91 20.17 2.20
N PHE B 253 -22.86 21.13 3.10
CA PHE B 253 -22.80 22.53 2.73
C PHE B 253 -21.85 23.30 3.63
N VAL B 254 -21.26 24.36 3.09
CA VAL B 254 -20.36 25.20 3.84
C VAL B 254 -20.67 26.63 3.42
N ASP B 255 -21.19 27.41 4.36
CA ASP B 255 -21.54 28.80 4.09
C ASP B 255 -22.62 28.89 3.01
N GLY B 256 -23.50 27.90 2.98
CA GLY B 256 -24.58 27.90 1.99
C GLY B 256 -24.27 27.35 0.60
N LYS B 257 -22.99 27.12 0.29
CA LYS B 257 -22.61 26.60 -1.02
C LYS B 257 -22.45 25.07 -0.96
N LYS B 258 -22.96 24.38 -1.97
CA LYS B 258 -22.88 22.92 -2.01
C LYS B 258 -21.46 22.37 -2.11
N ILE B 259 -21.20 21.32 -1.34
CA ILE B 259 -19.90 20.67 -1.32
C ILE B 259 -19.96 19.39 -2.16
N ASP B 260 -18.98 19.21 -3.04
CA ASP B 260 -18.91 18.02 -3.88
C ASP B 260 -17.71 17.17 -3.50
N PHE B 261 -17.82 15.87 -3.73
CA PHE B 261 -16.75 14.95 -3.37
C PHE B 261 -16.11 14.19 -4.53
N ILE B 262 -14.80 14.01 -4.44
CA ILE B 262 -14.00 13.30 -5.43
C ILE B 262 -13.33 12.12 -4.74
N THR B 263 -13.52 10.93 -5.29
CA THR B 263 -12.93 9.74 -4.70
C THR B 263 -11.84 9.21 -5.63
N ALA B 264 -10.60 9.21 -5.15
CA ALA B 264 -9.46 8.75 -5.94
C ALA B 264 -8.18 8.76 -5.13
N GLY B 265 -7.19 7.98 -5.57
CA GLY B 265 -5.92 7.93 -4.87
C GLY B 265 -6.03 7.49 -3.42
N GLY B 266 -7.09 6.74 -3.11
CA GLY B 266 -7.28 6.23 -1.76
C GLY B 266 -7.82 7.23 -0.75
N ARG B 267 -8.45 8.29 -1.24
CA ARG B 267 -8.99 9.33 -0.34
C ARG B 267 -10.21 10.06 -0.90
N THR B 268 -10.93 10.73 0.01
CA THR B 268 -12.10 11.49 -0.35
C THR B 268 -11.70 12.95 -0.34
N THR B 269 -12.04 13.65 -1.43
CA THR B 269 -11.69 15.06 -1.55
C THR B 269 -12.93 15.92 -1.59
N ALA B 270 -13.00 16.87 -0.66
CA ALA B 270 -14.13 17.79 -0.57
C ALA B 270 -13.78 19.13 -1.18
N TYR B 271 -14.69 19.67 -1.98
CA TYR B 271 -14.44 20.97 -2.60
C TYR B 271 -15.77 21.60 -2.95
N VAL B 272 -15.76 22.88 -3.36
CA VAL B 272 -16.98 23.57 -3.73
C VAL B 272 -16.97 23.99 -5.20
N PRO B 273 -17.64 23.20 -6.06
CA PRO B 273 -17.71 23.46 -7.50
C PRO B 273 -17.90 24.92 -7.88
N GLU B 274 -18.81 25.63 -7.22
CA GLU B 274 -19.05 27.03 -7.57
C GLU B 274 -17.96 28.01 -7.13
N LEU B 275 -17.02 27.56 -6.32
CA LEU B 275 -15.94 28.45 -5.87
C LEU B 275 -14.56 27.96 -6.31
N GLN B 276 -14.48 26.70 -6.70
CA GLN B 276 -13.22 26.12 -7.15
C GLN B 276 -13.44 25.60 -8.56
N LYS B 277 -12.93 26.35 -9.54
CA LYS B 277 -13.11 26.01 -10.94
C LYS B 277 -11.90 25.39 -11.62
N LEU B 278 -12.20 24.43 -12.50
CA LEU B 278 -11.18 23.75 -13.26
C LEU B 278 -10.89 24.74 -14.39
N TYR B 279 -9.62 24.97 -14.72
CA TYR B 279 -9.33 25.90 -15.81
C TYR B 279 -9.65 25.22 -17.13
N GLY B 280 -10.88 25.37 -17.58
CA GLY B 280 -11.31 24.74 -18.82
C GLY B 280 -12.39 23.73 -18.53
N LYS B 281 -13.05 23.20 -19.57
CA LYS B 281 -14.11 22.23 -19.37
C LYS B 281 -13.61 20.85 -18.93
N CYS B 282 -14.37 20.22 -18.04
CA CYS B 282 -14.00 18.90 -17.55
C CYS B 282 -13.94 17.92 -18.70
N VAL B 283 -14.90 18.01 -19.62
CA VAL B 283 -14.92 17.14 -20.78
C VAL B 283 -13.62 17.14 -21.57
N ASP B 284 -13.02 18.32 -21.74
CA ASP B 284 -11.76 18.41 -22.50
C ASP B 284 -10.58 17.91 -21.68
N LYS B 285 -10.58 18.19 -20.38
CA LYS B 285 -9.49 17.73 -19.51
C LYS B 285 -9.49 16.21 -19.44
N LEU B 286 -10.68 15.61 -19.42
CA LEU B 286 -10.81 14.16 -19.35
C LEU B 286 -10.29 13.53 -20.62
N ALA B 287 -10.71 14.08 -21.76
CA ALA B 287 -10.29 13.57 -23.06
C ALA B 287 -8.77 13.58 -23.17
N ALA B 288 -8.18 14.70 -22.75
CA ALA B 288 -6.73 14.86 -22.79
C ALA B 288 -6.01 13.88 -21.86
N ALA B 289 -6.54 13.70 -20.66
CA ALA B 289 -5.92 12.78 -19.70
C ALA B 289 -5.95 11.35 -20.24
N LEU B 290 -7.11 10.95 -20.76
CA LEU B 290 -7.27 9.62 -21.32
C LEU B 290 -6.39 9.44 -22.55
N GLU B 291 -6.37 10.45 -23.42
CA GLU B 291 -5.56 10.41 -24.64
C GLU B 291 -4.09 10.18 -24.27
N HIS B 292 -3.63 10.89 -23.24
CA HIS B 292 -2.25 10.76 -22.80
C HIS B 292 -1.92 9.37 -22.26
N HIS B 293 -2.95 8.61 -21.86
CA HIS B 293 -2.72 7.26 -21.34
C HIS B 293 -2.69 6.20 -22.42
N HIS B 294 -3.19 6.53 -23.61
CA HIS B 294 -3.17 5.58 -24.72
C HIS B 294 -1.88 5.85 -25.51
N HIS B 295 -0.82 5.21 -25.05
CA HIS B 295 0.51 5.38 -25.64
C HIS B 295 0.65 5.08 -27.14
N HIS B 296 -0.30 4.36 -27.71
CA HIS B 296 -0.23 4.03 -29.11
C HIS B 296 -1.23 4.78 -30.01
N HIS B 297 -2.04 5.66 -29.42
CA HIS B 297 -3.02 6.40 -30.22
C HIS B 297 -2.44 7.64 -30.90
C1 GOL C . 5.91 -10.50 -12.23
O1 GOL C . 5.60 -9.13 -12.24
C2 GOL C . 5.20 -11.22 -13.38
O2 GOL C . 4.54 -12.39 -12.86
C3 GOL C . 6.20 -11.64 -14.46
O3 GOL C . 5.54 -12.31 -15.53
C1 GOL D . -23.68 2.20 -6.56
O1 GOL D . -22.58 2.20 -7.46
C2 GOL D . -23.47 3.21 -5.43
O2 GOL D . -24.24 4.38 -5.71
C3 GOL D . -21.99 3.60 -5.35
O3 GOL D . -21.18 2.46 -5.10
#